data_6EX0
#
_entry.id   6EX0
#
_cell.length_a   124.330
_cell.length_b   124.330
_cell.length_c   213.150
_cell.angle_alpha   90.000
_cell.angle_beta   90.000
_cell.angle_gamma   90.000
#
_symmetry.space_group_name_H-M   'I 41 2 2'
#
loop_
_entity.id
_entity.type
_entity.pdbx_description
1 polymer 'GTP pyrophosphokinase'
2 non-polymer "guanosine 5'-(tetrahydrogen triphosphate) 3'-(trihydrogen diphosphate)"
3 non-polymer 'FE (II) ION'
4 water water
#
_entity_poly.entity_id   1
_entity_poly.type   'polypeptide(L)'
_entity_poly.pdbx_seq_one_letter_code
;MYVDRKPSLYLEDLRHDFKNSLSKFENGDEAFDTLLGFVELDHIYSSALKEISTKLSILDDNFNHIYKHNPIHHMERRVK
EMRSLIEKLNRKGLQISAETAKEHILDIAGIRVVCNYLDDIYLIEEMLLKQEDVQLIKRKDYIQHPKENGYRSLHIVVSI
PVFLAERVEVLPVEIQIRTIGMDMWASLEHKIRYKNNAETEKYRDLLKECATEITEVEDKLQQIHSEITEGHHHHHH
;
_entity_poly.pdbx_strand_id   A,B
#
# COMPACT_ATOMS: atom_id res chain seq x y z
N ALA A 31 20.48 -5.88 32.10
CA ALA A 31 21.18 -7.04 31.55
C ALA A 31 20.33 -7.70 30.46
N PHE A 32 20.31 -7.11 29.26
CA PHE A 32 19.48 -7.60 28.17
C PHE A 32 19.43 -6.62 27.02
N ASP A 33 18.71 -7.00 25.95
CA ASP A 33 18.44 -6.19 24.76
C ASP A 33 16.98 -6.32 24.36
N THR A 34 16.16 -6.86 25.26
CA THR A 34 14.79 -7.27 24.99
C THR A 34 13.95 -6.23 24.27
N LEU A 35 14.29 -4.94 24.32
CA LEU A 35 13.42 -4.02 23.59
C LEU A 35 13.78 -3.97 22.12
N LEU A 36 14.81 -4.69 21.69
CA LEU A 36 15.27 -4.57 20.33
C LEU A 36 14.34 -5.30 19.38
N GLY A 37 13.92 -6.50 19.76
CA GLY A 37 12.99 -7.20 18.90
C GLY A 37 11.61 -6.63 18.99
N PHE A 38 11.24 -6.06 20.14
CA PHE A 38 9.89 -5.50 20.24
C PHE A 38 9.74 -4.27 19.37
N VAL A 39 10.70 -3.35 19.42
CA VAL A 39 10.70 -2.22 18.51
C VAL A 39 10.78 -2.73 17.06
N GLU A 40 11.64 -3.72 16.81
CA GLU A 40 11.63 -4.42 15.54
C GLU A 40 10.25 -4.98 15.24
N LEU A 41 9.66 -5.65 16.22
CA LEU A 41 8.36 -6.28 16.03
C LEU A 41 7.32 -5.31 15.51
N ASP A 42 7.12 -4.21 16.25
CA ASP A 42 6.13 -3.20 15.87
C ASP A 42 6.34 -2.72 14.44
N HIS A 43 7.58 -2.60 14.04
CA HIS A 43 7.92 -2.06 12.73
C HIS A 43 7.48 -3.01 11.62
N ILE A 44 7.78 -4.30 11.77
CA ILE A 44 7.48 -5.19 10.66
C ILE A 44 5.99 -5.52 10.60
N TYR A 45 5.31 -5.51 11.75
CA TYR A 45 3.86 -5.77 11.78
C TYR A 45 3.03 -4.58 11.27
N SER A 46 3.48 -3.34 11.45
CA SER A 46 2.80 -2.23 10.79
C SER A 46 2.94 -2.35 9.28
N SER A 47 4.08 -2.84 8.82
CA SER A 47 4.24 -3.03 7.40
C SER A 47 3.22 -4.05 6.89
N ALA A 48 2.97 -5.11 7.66
CA ALA A 48 1.92 -6.05 7.29
C ALA A 48 0.57 -5.35 7.18
N LEU A 49 0.25 -4.47 8.13
CA LEU A 49 -0.98 -3.68 8.04
C LEU A 49 -1.01 -2.84 6.77
N LYS A 50 0.11 -2.16 6.45
CA LYS A 50 0.15 -1.38 5.20
C LYS A 50 -0.17 -2.27 4.00
N GLU A 51 0.39 -3.47 3.97
CA GLU A 51 0.17 -4.39 2.87
C GLU A 51 -1.29 -4.83 2.77
N ILE A 52 -1.88 -5.19 3.89
CA ILE A 52 -3.26 -5.66 3.90
C ILE A 52 -4.22 -4.51 3.60
N SER A 53 -4.03 -3.38 4.29
CA SER A 53 -4.83 -2.20 4.00
C SER A 53 -4.92 -1.93 2.51
N THR A 54 -3.77 -2.03 1.80
CA THR A 54 -3.77 -1.76 0.37
C THR A 54 -4.66 -2.75 -0.38
N LYS A 55 -4.46 -4.04 -0.15
CA LYS A 55 -5.32 -5.03 -0.80
C LYS A 55 -6.77 -4.67 -0.57
N LEU A 56 -7.13 -4.36 0.68
CA LEU A 56 -8.52 -4.01 0.98
C LEU A 56 -8.99 -2.80 0.17
N SER A 57 -8.20 -1.72 0.17
CA SER A 57 -8.64 -0.51 -0.52
C SER A 57 -8.86 -0.76 -2.00
N ILE A 58 -7.99 -1.56 -2.62
CA ILE A 58 -8.15 -1.79 -4.04
C ILE A 58 -9.43 -2.57 -4.31
N LEU A 59 -9.74 -3.55 -3.45
CA LEU A 59 -11.00 -4.28 -3.58
C LEU A 59 -12.18 -3.32 -3.45
N ASP A 60 -12.24 -2.56 -2.35
CA ASP A 60 -13.30 -1.58 -2.19
C ASP A 60 -13.39 -0.67 -3.40
N ASP A 61 -12.25 -0.12 -3.83
CA ASP A 61 -12.25 0.77 -4.98
C ASP A 61 -12.83 0.08 -6.19
N ASN A 62 -12.28 -1.09 -6.53
CA ASN A 62 -12.67 -1.73 -7.78
C ASN A 62 -14.09 -2.24 -7.69
N PHE A 63 -14.46 -2.80 -6.56
CA PHE A 63 -15.83 -3.29 -6.42
C PHE A 63 -16.82 -2.16 -6.63
N ASN A 64 -16.57 -1.02 -6.00
CA ASN A 64 -17.42 0.14 -6.22
C ASN A 64 -17.40 0.55 -7.68
N HIS A 65 -16.22 0.51 -8.31
CA HIS A 65 -16.11 0.86 -9.72
C HIS A 65 -16.93 -0.04 -10.62
N ILE A 66 -17.25 -1.24 -10.17
CA ILE A 66 -17.97 -2.22 -10.99
C ILE A 66 -19.46 -2.28 -10.64
N TYR A 67 -19.79 -2.24 -9.35
CA TYR A 67 -21.16 -2.42 -8.87
C TYR A 67 -21.73 -1.16 -8.22
N LYS A 68 -21.05 -0.01 -8.35
CA LYS A 68 -21.50 1.28 -7.80
C LYS A 68 -21.94 1.13 -6.35
N HIS A 69 -21.01 0.69 -5.50
CA HIS A 69 -21.26 0.49 -4.09
C HIS A 69 -19.97 0.15 -3.36
N ASN A 70 -19.72 0.81 -2.24
CA ASN A 70 -18.54 0.52 -1.44
C ASN A 70 -18.88 -0.51 -0.39
N PRO A 71 -18.23 -1.67 -0.38
CA PRO A 71 -18.47 -2.59 0.74
C PRO A 71 -17.89 -2.06 2.03
N ILE A 72 -16.71 -1.44 1.99
CA ILE A 72 -16.02 -0.96 3.18
C ILE A 72 -16.43 0.47 3.52
N HIS A 73 -17.00 0.65 4.71
CA HIS A 73 -17.20 1.99 5.23
C HIS A 73 -15.88 2.61 5.71
N HIS A 74 -15.10 1.86 6.48
CA HIS A 74 -13.77 2.34 6.82
C HIS A 74 -13.00 1.25 7.54
N MET A 75 -11.72 1.50 7.73
CA MET A 75 -10.82 0.54 8.34
C MET A 75 -10.12 1.14 9.55
N GLU A 76 -9.68 0.27 10.45
CA GLU A 76 -8.88 0.75 11.55
C GLU A 76 -7.74 -0.23 11.75
N ARG A 77 -6.54 0.31 12.00
CA ARG A 77 -5.35 -0.49 12.16
C ARG A 77 -4.74 -0.16 13.50
N ARG A 78 -4.13 -1.17 14.12
CA ARG A 78 -3.47 -0.97 15.39
C ARG A 78 -2.48 -2.10 15.57
N VAL A 79 -1.31 -1.78 16.12
CA VAL A 79 -0.35 -2.78 16.53
C VAL A 79 -0.39 -2.85 18.05
N LYS A 80 -0.44 -4.06 18.58
CA LYS A 80 -0.54 -4.27 20.01
C LYS A 80 0.62 -3.57 20.73
N GLU A 81 0.26 -2.85 21.80
CA GLU A 81 1.28 -2.28 22.65
C GLU A 81 2.19 -3.37 23.18
N MET A 82 3.45 -3.03 23.41
CA MET A 82 4.39 -3.99 23.99
C MET A 82 3.88 -4.52 25.33
N ARG A 83 3.36 -3.63 26.18
CA ARG A 83 2.84 -4.09 27.47
C ARG A 83 1.82 -5.20 27.29
N SER A 84 0.91 -5.07 26.30
CA SER A 84 -0.08 -6.12 26.09
C SER A 84 0.57 -7.42 25.64
N LEU A 85 1.63 -7.32 24.84
CA LEU A 85 2.33 -8.49 24.36
C LEU A 85 2.96 -9.23 25.53
N ILE A 86 3.75 -8.50 26.32
CA ILE A 86 4.40 -9.08 27.49
C ILE A 86 3.37 -9.68 28.43
N GLU A 87 2.33 -8.91 28.75
CA GLU A 87 1.23 -9.42 29.54
C GLU A 87 0.72 -10.73 28.97
N LYS A 88 0.41 -10.75 27.68
CA LYS A 88 -0.13 -11.95 27.07
C LYS A 88 0.87 -13.10 27.16
N LEU A 89 2.15 -12.83 26.90
CA LEU A 89 3.17 -13.87 27.03
C LEU A 89 3.20 -14.44 28.46
N ASN A 90 3.21 -13.56 29.46
CA ASN A 90 3.20 -14.03 30.85
C ASN A 90 1.98 -14.90 31.16
N ARG A 91 0.81 -14.55 30.61
CA ARG A 91 -0.39 -15.30 30.96
C ARG A 91 -0.27 -16.76 30.53
N LYS A 92 0.29 -17.00 29.34
CA LYS A 92 0.54 -18.37 28.88
C LYS A 92 1.92 -18.89 29.28
N GLY A 93 2.60 -18.22 30.20
CA GLY A 93 3.87 -18.70 30.73
C GLY A 93 4.97 -18.93 29.70
N LEU A 94 5.11 -18.04 28.73
CA LEU A 94 6.08 -18.20 27.64
C LEU A 94 7.30 -17.32 27.87
N GLN A 95 8.41 -17.69 27.23
CA GLN A 95 9.61 -16.87 27.31
C GLN A 95 9.25 -15.47 26.81
N ILE A 96 9.82 -14.44 27.43
CA ILE A 96 9.46 -13.04 27.14
C ILE A 96 10.50 -12.48 26.17
N SER A 97 10.18 -12.55 24.88
CA SER A 97 11.06 -12.08 23.81
C SER A 97 10.20 -11.76 22.60
N ALA A 98 10.73 -10.93 21.72
CA ALA A 98 9.96 -10.66 20.51
C ALA A 98 9.84 -11.92 19.65
N GLU A 99 10.91 -12.73 19.63
CA GLU A 99 10.86 -13.97 18.88
C GLU A 99 9.67 -14.81 19.31
N THR A 100 9.43 -14.89 20.62
CA THR A 100 8.37 -15.76 21.07
C THR A 100 7.00 -15.12 20.88
N ALA A 101 6.89 -13.82 21.03
CA ALA A 101 5.61 -13.20 20.71
C ALA A 101 5.32 -13.41 19.23
N LYS A 102 6.35 -13.23 18.40
CA LYS A 102 6.18 -13.39 16.97
C LYS A 102 5.65 -14.76 16.60
N GLU A 103 6.05 -15.81 17.34
CA GLU A 103 5.68 -17.16 16.98
C GLU A 103 4.45 -17.68 17.71
N HIS A 104 3.83 -16.88 18.58
CA HIS A 104 2.69 -17.34 19.37
C HIS A 104 1.48 -16.44 19.31
N ILE A 105 1.64 -15.16 19.03
CA ILE A 105 0.54 -14.20 19.06
C ILE A 105 0.17 -13.79 17.65
N LEU A 106 -1.05 -14.12 17.24
CA LEU A 106 -1.50 -13.85 15.88
C LEU A 106 -2.17 -12.49 15.74
N ASP A 107 -2.64 -11.89 16.83
CA ASP A 107 -3.30 -10.61 16.71
C ASP A 107 -2.36 -9.46 17.07
N ILE A 108 -1.06 -9.63 16.83
CA ILE A 108 -0.13 -8.52 17.03
C ILE A 108 -0.52 -7.37 16.12
N ALA A 109 -0.62 -7.65 14.84
CA ALA A 109 -1.15 -6.70 13.88
C ALA A 109 -2.65 -6.93 13.75
N GLY A 110 -3.42 -5.87 13.85
CA GLY A 110 -4.86 -5.96 13.76
CA GLY A 110 -4.86 -5.96 13.76
C GLY A 110 -5.45 -4.86 12.91
N ILE A 111 -6.40 -5.23 12.07
CA ILE A 111 -7.14 -4.28 11.27
C ILE A 111 -8.63 -4.59 11.40
N ARG A 112 -9.42 -3.55 11.48
CA ARG A 112 -10.85 -3.68 11.70
C ARG A 112 -11.51 -3.07 10.48
N VAL A 113 -12.20 -3.90 9.72
CA VAL A 113 -12.89 -3.46 8.51
C VAL A 113 -14.36 -3.29 8.88
N VAL A 114 -14.85 -2.05 8.85
CA VAL A 114 -16.26 -1.76 9.11
C VAL A 114 -16.99 -1.64 7.77
N CYS A 115 -18.02 -2.44 7.58
CA CYS A 115 -18.73 -2.51 6.32
C CYS A 115 -20.11 -1.90 6.39
N ASN A 116 -20.57 -1.46 5.23
CA ASN A 116 -21.87 -0.81 5.20
C ASN A 116 -22.99 -1.79 5.41
N TYR A 117 -22.87 -3.01 4.87
CA TYR A 117 -23.94 -3.99 5.02
C TYR A 117 -23.38 -5.35 5.37
N LEU A 118 -24.20 -6.14 6.06
CA LEU A 118 -23.79 -7.46 6.53
C LEU A 118 -23.25 -8.30 5.39
N ASP A 119 -24.00 -8.40 4.30
CA ASP A 119 -23.56 -9.24 3.20
C ASP A 119 -22.21 -8.78 2.65
N ASP A 120 -21.89 -7.49 2.79
CA ASP A 120 -20.57 -7.00 2.37
C ASP A 120 -19.45 -7.74 3.09
N ILE A 121 -19.66 -8.03 4.38
CA ILE A 121 -18.63 -8.69 5.18
C ILE A 121 -18.11 -9.94 4.48
N TYR A 122 -19.02 -10.80 4.01
CA TYR A 122 -18.58 -12.05 3.41
C TYR A 122 -18.07 -11.86 2.00
N LEU A 123 -18.51 -10.79 1.33
CA LEU A 123 -17.91 -10.45 0.04
C LEU A 123 -16.44 -10.09 0.22
N ILE A 124 -16.13 -9.28 1.21
CA ILE A 124 -14.73 -8.94 1.41
C ILE A 124 -13.92 -10.18 1.74
N GLU A 125 -14.41 -11.00 2.67
CA GLU A 125 -13.67 -12.20 3.06
C GLU A 125 -13.28 -13.01 1.84
N GLU A 126 -14.24 -13.26 0.96
CA GLU A 126 -13.97 -14.02 -0.26
C GLU A 126 -12.94 -13.32 -1.14
N MET A 127 -13.12 -12.03 -1.38
CA MET A 127 -12.29 -11.33 -2.35
C MET A 127 -10.86 -11.25 -1.86
N LEU A 128 -10.66 -11.18 -0.55
CA LEU A 128 -9.32 -11.13 0.00
C LEU A 128 -8.66 -12.50 -0.02
N LEU A 129 -9.36 -13.54 0.45
CA LEU A 129 -8.70 -14.83 0.59
C LEU A 129 -8.29 -15.44 -0.76
N LYS A 130 -9.02 -15.16 -1.85
CA LYS A 130 -8.66 -15.86 -3.08
C LYS A 130 -7.32 -15.43 -3.65
N GLN A 131 -6.69 -14.40 -3.08
CA GLN A 131 -5.45 -13.86 -3.62
C GLN A 131 -4.24 -14.76 -3.36
N GLU A 132 -3.39 -14.89 -4.38
CA GLU A 132 -2.15 -15.67 -4.30
C GLU A 132 -1.39 -15.44 -2.99
N ASP A 133 -0.94 -14.20 -2.72
CA ASP A 133 -0.12 -13.90 -1.54
CA ASP A 133 -0.09 -14.02 -1.53
C ASP A 133 -0.87 -14.01 -0.22
N VAL A 134 -2.19 -14.20 -0.23
CA VAL A 134 -3.00 -14.17 1.00
C VAL A 134 -3.49 -15.56 1.36
N GLN A 135 -3.23 -15.97 2.63
CA GLN A 135 -3.56 -17.29 3.16
C GLN A 135 -4.37 -17.20 4.46
N LEU A 136 -5.38 -18.05 4.59
CA LEU A 136 -6.23 -18.08 5.78
C LEU A 136 -5.60 -18.97 6.85
N ILE A 137 -5.50 -18.47 8.08
CA ILE A 137 -4.91 -19.21 9.19
C ILE A 137 -5.94 -19.59 10.24
N LYS A 138 -6.80 -18.64 10.62
CA LYS A 138 -7.76 -18.84 11.69
C LYS A 138 -9.06 -18.13 11.33
N ARG A 139 -10.19 -18.70 11.72
CA ARG A 139 -11.45 -18.07 11.39
C ARG A 139 -12.43 -18.31 12.52
N LYS A 140 -13.11 -17.24 12.93
CA LYS A 140 -14.13 -17.30 13.96
C LYS A 140 -15.27 -16.35 13.58
N ASP A 141 -16.44 -16.91 13.32
CA ASP A 141 -17.59 -16.15 12.83
C ASP A 141 -18.58 -15.98 13.99
N TYR A 142 -18.47 -14.87 14.71
CA TYR A 142 -19.41 -14.53 15.78
C TYR A 142 -20.65 -13.86 15.26
N ILE A 143 -20.80 -13.77 13.95
CA ILE A 143 -22.02 -13.21 13.39
C ILE A 143 -23.12 -14.26 13.38
N GLN A 144 -22.82 -15.43 12.81
CA GLN A 144 -23.73 -16.56 12.89
C GLN A 144 -23.93 -17.01 14.32
N HIS A 145 -22.86 -17.02 15.10
CA HIS A 145 -22.85 -17.54 16.46
C HIS A 145 -22.29 -16.43 17.34
N PRO A 146 -23.12 -15.47 17.73
CA PRO A 146 -22.66 -14.39 18.60
C PRO A 146 -22.14 -14.90 19.93
N LYS A 147 -21.26 -14.12 20.54
CA LYS A 147 -20.81 -14.48 21.87
C LYS A 147 -21.98 -14.37 22.85
N GLU A 148 -21.75 -14.82 24.08
CA GLU A 148 -22.84 -14.89 25.04
C GLU A 148 -23.45 -13.51 25.28
N ASN A 149 -22.60 -12.48 25.39
CA ASN A 149 -23.04 -11.13 25.73
C ASN A 149 -23.65 -10.39 24.55
N GLY A 150 -23.59 -10.93 23.34
CA GLY A 150 -24.18 -10.31 22.18
C GLY A 150 -23.19 -9.93 21.10
N TYR A 151 -21.90 -10.06 21.35
CA TYR A 151 -20.88 -9.60 20.41
C TYR A 151 -20.97 -10.35 19.08
N ARG A 152 -20.92 -9.59 18.00
CA ARG A 152 -21.05 -10.11 16.64
C ARG A 152 -19.90 -9.55 15.82
N SER A 153 -19.23 -10.40 15.08
CA SER A 153 -18.10 -9.95 14.28
C SER A 153 -17.42 -11.15 13.65
N LEU A 154 -16.91 -10.99 12.43
CA LEU A 154 -16.20 -12.05 11.74
C LEU A 154 -14.73 -11.79 11.94
N HIS A 155 -14.05 -12.72 12.58
CA HIS A 155 -12.64 -12.59 12.86
C HIS A 155 -11.90 -13.57 11.97
N ILE A 156 -10.94 -13.08 11.18
CA ILE A 156 -10.07 -14.00 10.45
C ILE A 156 -8.63 -13.55 10.63
N VAL A 157 -7.72 -14.53 10.70
CA VAL A 157 -6.29 -14.27 10.65
C VAL A 157 -5.77 -14.75 9.31
N VAL A 158 -5.02 -13.87 8.63
CA VAL A 158 -4.39 -14.16 7.35
C VAL A 158 -2.89 -13.88 7.44
N SER A 159 -2.12 -14.53 6.57
CA SER A 159 -0.70 -14.19 6.37
C SER A 159 -0.45 -13.48 5.03
N ILE A 160 0.47 -12.53 5.03
CA ILE A 160 0.97 -11.91 3.80
C ILE A 160 2.49 -11.90 3.88
N PRO A 161 3.17 -11.93 2.76
CA PRO A 161 4.61 -11.69 2.81
C PRO A 161 4.86 -10.19 2.89
N VAL A 162 5.85 -9.83 3.72
CA VAL A 162 6.29 -8.46 3.87
C VAL A 162 7.72 -8.39 3.36
N PHE A 163 7.97 -7.51 2.39
CA PHE A 163 9.26 -7.41 1.69
C PHE A 163 10.07 -6.32 2.34
N LEU A 164 11.04 -6.74 3.15
CA LEU A 164 11.93 -5.85 3.86
C LEU A 164 13.21 -5.64 3.04
N ALA A 165 14.06 -4.74 3.53
CA ALA A 165 15.26 -4.38 2.77
C ALA A 165 16.11 -5.59 2.47
N GLU A 166 16.15 -6.55 3.37
CA GLU A 166 17.07 -7.66 3.19
C GLU A 166 16.45 -9.04 3.39
N ARG A 167 15.13 -9.14 3.51
CA ARG A 167 14.52 -10.45 3.72
C ARG A 167 13.02 -10.34 3.50
N VAL A 168 12.38 -11.51 3.45
CA VAL A 168 10.93 -11.58 3.37
C VAL A 168 10.39 -12.27 4.62
N GLU A 169 9.50 -11.59 5.33
CA GLU A 169 8.78 -12.14 6.46
C GLU A 169 7.36 -12.44 6.03
N VAL A 170 6.87 -13.63 6.33
CA VAL A 170 5.45 -13.90 6.17
C VAL A 170 4.80 -13.74 7.54
N LEU A 171 3.86 -12.80 7.65
CA LEU A 171 3.34 -12.42 8.95
C LEU A 171 1.83 -12.55 9.03
N PRO A 172 1.32 -12.91 10.20
CA PRO A 172 -0.14 -12.92 10.39
C PRO A 172 -0.67 -11.54 10.69
N VAL A 173 -1.81 -11.23 10.09
CA VAL A 173 -2.61 -10.05 10.42
C VAL A 173 -3.99 -10.52 10.87
N GLU A 174 -4.48 -9.96 11.99
CA GLU A 174 -5.84 -10.27 12.43
C GLU A 174 -6.84 -9.22 11.91
N ILE A 175 -7.89 -9.70 11.27
CA ILE A 175 -8.88 -8.82 10.63
C ILE A 175 -10.23 -9.05 11.29
N GLN A 176 -10.83 -7.99 11.79
CA GLN A 176 -12.18 -8.04 12.31
C GLN A 176 -13.08 -7.35 11.30
N ILE A 177 -14.01 -8.11 10.73
CA ILE A 177 -14.94 -7.53 9.77
C ILE A 177 -16.30 -7.42 10.47
N ARG A 178 -16.86 -6.22 10.47
CA ARG A 178 -18.15 -5.97 11.09
C ARG A 178 -18.87 -4.85 10.36
N THR A 179 -20.18 -4.76 10.61
CA THR A 179 -20.94 -3.62 10.12
C THR A 179 -20.80 -2.41 11.05
N ILE A 180 -21.34 -1.29 10.59
CA ILE A 180 -21.45 -0.12 11.45
C ILE A 180 -22.14 -0.47 12.77
N GLY A 181 -23.30 -1.11 12.69
CA GLY A 181 -24.01 -1.51 13.90
C GLY A 181 -23.15 -2.31 14.85
N MET A 182 -22.48 -3.34 14.33
CA MET A 182 -21.61 -4.16 15.18
C MET A 182 -20.50 -3.33 15.79
N ASP A 183 -19.94 -2.41 15.03
CA ASP A 183 -18.92 -1.55 15.60
C ASP A 183 -19.47 -0.75 16.76
N MET A 184 -20.60 -0.06 16.55
CA MET A 184 -21.26 0.72 17.60
C MET A 184 -21.38 -0.07 18.90
N TRP A 185 -22.04 -1.24 18.84
CA TRP A 185 -22.31 -2.04 20.03
C TRP A 185 -21.01 -2.48 20.70
N ALA A 186 -20.09 -3.02 19.90
CA ALA A 186 -18.80 -3.43 20.43
C ALA A 186 -18.13 -2.29 21.17
N SER A 187 -18.01 -1.12 20.53
CA SER A 187 -17.30 0.00 21.14
C SER A 187 -17.84 0.35 22.52
N LEU A 188 -19.16 0.30 22.70
CA LEU A 188 -19.74 0.61 23.99
C LEU A 188 -19.51 -0.51 24.99
N GLU A 189 -19.82 -1.75 24.61
CA GLU A 189 -19.62 -2.86 25.53
C GLU A 189 -18.20 -2.86 26.04
N HIS A 190 -17.26 -2.45 25.18
CA HIS A 190 -15.85 -2.45 25.53
C HIS A 190 -15.56 -1.46 26.63
N LYS A 191 -16.20 -0.28 26.60
CA LYS A 191 -15.98 0.70 27.65
C LYS A 191 -16.36 0.13 29.00
N ILE A 192 -17.39 -0.71 29.04
CA ILE A 192 -17.90 -1.25 30.28
C ILE A 192 -16.89 -2.16 30.97
N ARG A 193 -16.08 -2.91 30.20
CA ARG A 193 -15.10 -3.78 30.82
C ARG A 193 -14.18 -3.00 31.78
N TYR A 194 -13.88 -1.75 31.46
CA TYR A 194 -13.08 -0.89 32.35
C TYR A 194 -14.00 -0.15 33.32
N GLU A 201 -23.20 -7.52 34.08
CA GLU A 201 -23.35 -6.66 35.24
C GLU A 201 -24.75 -6.02 35.20
N LYS A 202 -24.90 -4.80 35.70
CA LYS A 202 -26.20 -4.13 35.52
C LYS A 202 -26.53 -3.98 34.03
N TYR A 203 -25.50 -3.78 33.20
CA TYR A 203 -25.71 -3.45 31.80
C TYR A 203 -25.75 -4.68 30.90
N ARG A 204 -25.16 -5.80 31.33
CA ARG A 204 -25.19 -7.02 30.52
C ARG A 204 -26.56 -7.28 29.90
N ASP A 205 -27.60 -7.39 30.72
CA ASP A 205 -28.94 -7.66 30.21
C ASP A 205 -29.35 -6.64 29.14
N LEU A 206 -29.12 -5.35 29.40
CA LEU A 206 -29.62 -4.32 28.51
C LEU A 206 -28.79 -4.20 27.24
N LEU A 207 -27.50 -4.51 27.29
CA LEU A 207 -26.70 -4.55 26.07
C LEU A 207 -27.23 -5.59 25.09
N LYS A 208 -27.54 -6.80 25.58
CA LYS A 208 -28.05 -7.82 24.67
C LYS A 208 -29.29 -7.33 23.95
N GLU A 209 -30.13 -6.52 24.61
CA GLU A 209 -31.27 -5.96 23.91
C GLU A 209 -30.82 -5.15 22.71
N CYS A 210 -29.84 -4.27 22.91
CA CYS A 210 -29.36 -3.44 21.81
C CYS A 210 -28.73 -4.29 20.71
N ALA A 211 -27.98 -5.32 21.09
CA ALA A 211 -27.35 -6.20 20.10
C ALA A 211 -28.38 -6.76 19.12
N THR A 212 -29.50 -7.27 19.62
CA THR A 212 -30.50 -7.78 18.67
C THR A 212 -31.27 -6.62 18.04
N GLU A 213 -31.57 -5.56 18.79
CA GLU A 213 -32.26 -4.43 18.17
C GLU A 213 -31.44 -3.92 16.99
N ILE A 214 -30.12 -3.86 17.13
CA ILE A 214 -29.27 -3.44 16.01
C ILE A 214 -29.31 -4.47 14.88
N THR A 215 -29.20 -5.76 15.22
CA THR A 215 -29.35 -6.76 14.17
C THR A 215 -30.62 -6.52 13.39
N GLU A 216 -31.74 -6.34 14.11
CA GLU A 216 -33.04 -6.18 13.47
C GLU A 216 -33.05 -5.00 12.50
N VAL A 217 -32.49 -3.87 12.91
CA VAL A 217 -32.56 -2.68 12.06
C VAL A 217 -31.69 -2.87 10.82
N GLU A 218 -30.45 -3.34 11.02
CA GLU A 218 -29.52 -3.50 9.92
C GLU A 218 -30.01 -4.50 8.90
N ASP A 219 -30.89 -5.42 9.30
CA ASP A 219 -31.45 -6.35 8.34
C ASP A 219 -32.56 -5.69 7.53
N LYS A 220 -33.40 -4.89 8.18
CA LYS A 220 -34.32 -4.04 7.43
C LYS A 220 -33.56 -3.23 6.39
N LEU A 221 -32.52 -2.53 6.85
CA LEU A 221 -31.68 -1.76 5.94
C LEU A 221 -31.09 -2.65 4.85
N GLN A 222 -30.52 -3.78 5.25
CA GLN A 222 -29.98 -4.72 4.26
C GLN A 222 -31.04 -5.09 3.23
N GLN A 223 -32.24 -5.49 3.70
CA GLN A 223 -33.32 -5.88 2.79
C GLN A 223 -33.64 -4.76 1.80
N ILE A 224 -33.76 -3.54 2.29
CA ILE A 224 -34.12 -2.43 1.41
C ILE A 224 -33.00 -2.16 0.42
N HIS A 225 -31.76 -2.11 0.90
CA HIS A 225 -30.62 -1.89 0.01
C HIS A 225 -30.56 -2.95 -1.08
N SER A 226 -30.77 -4.21 -0.69
CA SER A 226 -30.73 -5.29 -1.66
C SER A 226 -31.76 -5.08 -2.77
N GLU A 227 -33.00 -4.70 -2.41
CA GLU A 227 -34.05 -4.62 -3.43
C GLU A 227 -33.69 -3.64 -4.53
N ILE A 228 -32.89 -2.62 -4.24
CA ILE A 228 -32.46 -1.71 -5.29
C ILE A 228 -31.32 -2.33 -6.08
N THR A 229 -30.64 -3.33 -5.50
CA THR A 229 -29.55 -4.07 -6.14
C THR A 229 -28.45 -3.04 -6.40
N GLU A 230 -27.90 -2.98 -7.61
CA GLU A 230 -26.79 -2.09 -7.94
C GLU A 230 -27.24 -0.63 -8.08
N PHE B 32 -20.94 8.87 -30.28
CA PHE B 32 -21.85 7.81 -30.72
C PHE B 32 -22.20 6.89 -29.55
N ASP B 33 -21.24 6.07 -29.12
CA ASP B 33 -21.40 5.25 -27.93
C ASP B 33 -20.11 5.27 -27.11
N THR B 34 -20.23 5.36 -25.79
CA THR B 34 -19.10 5.58 -24.88
C THR B 34 -17.91 4.68 -25.16
N LEU B 35 -16.88 5.26 -25.77
CA LEU B 35 -15.64 4.60 -26.07
C LEU B 35 -14.64 4.70 -24.91
N LEU B 36 -15.08 5.28 -23.78
CA LEU B 36 -14.22 5.60 -22.65
C LEU B 36 -13.95 4.37 -21.78
N GLY B 37 -13.17 3.46 -22.34
CA GLY B 37 -12.63 2.35 -21.59
C GLY B 37 -11.49 2.76 -20.70
N PHE B 38 -10.98 3.97 -20.94
CA PHE B 38 -9.84 4.50 -20.22
C PHE B 38 -10.14 4.68 -18.75
N VAL B 39 -11.33 5.15 -18.41
CA VAL B 39 -11.71 5.26 -17.01
C VAL B 39 -11.43 3.95 -16.30
N GLU B 40 -11.72 2.82 -16.94
CA GLU B 40 -11.22 1.54 -16.46
C GLU B 40 -9.69 1.58 -16.36
N LEU B 41 -9.04 1.99 -17.44
CA LEU B 41 -7.58 2.05 -17.44
C LEU B 41 -7.06 2.87 -16.26
N ASP B 42 -7.54 4.10 -16.15
CA ASP B 42 -7.13 4.97 -15.04
C ASP B 42 -7.36 4.28 -13.71
N HIS B 43 -8.45 3.52 -13.62
CA HIS B 43 -8.81 2.90 -12.34
C HIS B 43 -7.81 1.82 -11.93
N ILE B 44 -7.48 0.92 -12.85
CA ILE B 44 -6.62 -0.20 -12.48
C ILE B 44 -5.16 0.23 -12.39
N TYR B 45 -4.74 1.19 -13.20
CA TYR B 45 -3.37 1.65 -13.09
C TYR B 45 -3.13 2.48 -11.85
N SER B 46 -4.12 3.23 -11.37
CA SER B 46 -3.93 3.88 -10.07
C SER B 46 -3.82 2.84 -8.97
N SER B 47 -4.55 1.74 -9.11
CA SER B 47 -4.40 0.66 -8.14
C SER B 47 -2.99 0.10 -8.18
N ALA B 48 -2.39 0.00 -9.37
CA ALA B 48 -0.99 -0.44 -9.43
C ALA B 48 -0.09 0.47 -8.59
N LEU B 49 -0.28 1.79 -8.69
CA LEU B 49 0.53 2.73 -7.93
C LEU B 49 0.40 2.50 -6.43
N LYS B 50 -0.81 2.23 -5.93
CA LYS B 50 -0.91 1.94 -4.51
C LYS B 50 -0.02 0.77 -4.12
N GLU B 51 -0.03 -0.30 -4.93
CA GLU B 51 0.78 -1.47 -4.59
C GLU B 51 2.27 -1.17 -4.59
N ILE B 52 2.76 -0.44 -5.60
CA ILE B 52 4.18 -0.14 -5.62
C ILE B 52 4.52 0.83 -4.50
N SER B 53 3.76 1.92 -4.40
CA SER B 53 3.97 2.88 -3.32
C SER B 53 4.08 2.19 -1.96
N THR B 54 3.15 1.25 -1.68
CA THR B 54 3.22 0.51 -0.41
C THR B 54 4.56 -0.20 -0.30
N LYS B 55 4.97 -0.91 -1.36
CA LYS B 55 6.27 -1.58 -1.34
C LYS B 55 7.39 -0.59 -1.04
N LEU B 56 7.43 0.51 -1.80
CA LEU B 56 8.51 1.47 -1.60
C LEU B 56 8.54 1.98 -0.17
N SER B 57 7.38 2.35 0.36
CA SER B 57 7.37 2.94 1.69
C SER B 57 7.95 2.00 2.73
N ILE B 58 7.68 0.69 2.59
CA ILE B 58 8.16 -0.30 3.55
C ILE B 58 9.67 -0.48 3.47
N LEU B 59 10.22 -0.45 2.26
CA LEU B 59 11.67 -0.49 2.10
C LEU B 59 12.32 0.68 2.80
N ASP B 60 11.84 1.89 2.51
CA ASP B 60 12.36 3.07 3.17
C ASP B 60 12.31 2.89 4.69
N ASP B 61 11.15 2.47 5.20
CA ASP B 61 10.96 2.30 6.64
C ASP B 61 11.93 1.28 7.22
N ASN B 62 12.04 0.10 6.58
CA ASN B 62 12.88 -0.95 7.14
C ASN B 62 14.36 -0.63 7.02
N PHE B 63 14.77 -0.09 5.87
CA PHE B 63 16.18 0.29 5.71
C PHE B 63 16.57 1.32 6.75
N ASN B 64 15.70 2.30 6.97
CA ASN B 64 15.94 3.28 8.01
C ASN B 64 16.05 2.62 9.37
N HIS B 65 15.21 1.62 9.62
CA HIS B 65 15.26 0.97 10.92
C HIS B 65 16.58 0.23 11.13
N ILE B 66 17.25 -0.16 10.05
CA ILE B 66 18.44 -1.00 10.13
C ILE B 66 19.72 -0.17 10.02
N TYR B 67 19.76 0.78 9.09
CA TYR B 67 20.95 1.58 8.84
C TYR B 67 20.77 3.01 9.28
N LYS B 68 19.67 3.29 9.98
CA LYS B 68 19.40 4.61 10.49
C LYS B 68 19.67 5.67 9.43
N HIS B 69 18.88 5.59 8.37
CA HIS B 69 18.91 6.56 7.29
C HIS B 69 17.81 6.26 6.28
N ASN B 70 17.00 7.26 5.91
CA ASN B 70 15.95 7.05 4.92
C ASN B 70 16.49 7.26 3.53
N PRO B 71 16.49 6.25 2.67
CA PRO B 71 16.90 6.49 1.27
C PRO B 71 15.92 7.35 0.49
N ILE B 72 14.62 7.18 0.71
CA ILE B 72 13.61 7.93 -0.03
C ILE B 72 13.32 9.24 0.71
N HIS B 73 13.58 10.36 0.02
CA HIS B 73 13.16 11.64 0.56
C HIS B 73 11.65 11.80 0.45
N HIS B 74 11.11 11.51 -0.72
CA HIS B 74 9.66 11.46 -0.90
C HIS B 74 9.39 10.87 -2.26
N MET B 75 8.11 10.61 -2.51
CA MET B 75 7.60 10.02 -3.74
C MET B 75 6.53 10.90 -4.34
N GLU B 76 6.32 10.76 -5.65
CA GLU B 76 5.22 11.44 -6.32
C GLU B 76 4.60 10.46 -7.29
N ARG B 77 3.28 10.44 -7.38
CA ARG B 77 2.58 9.48 -8.21
C ARG B 77 1.66 10.20 -9.20
N ARG B 78 1.49 9.58 -10.35
CA ARG B 78 0.71 10.21 -11.39
C ARG B 78 0.21 9.14 -12.34
N VAL B 79 -1.03 9.27 -12.77
CA VAL B 79 -1.59 8.47 -13.87
C VAL B 79 -1.69 9.39 -15.07
N LYS B 80 -1.21 8.93 -16.22
CA LYS B 80 -1.15 9.80 -17.39
C LYS B 80 -2.53 10.35 -17.71
N GLU B 81 -2.59 11.68 -17.91
CA GLU B 81 -3.81 12.29 -18.41
C GLU B 81 -4.19 11.61 -19.71
N MET B 82 -5.50 11.48 -19.94
CA MET B 82 -5.97 10.96 -21.21
C MET B 82 -5.47 11.82 -22.37
N ARG B 83 -5.45 13.14 -22.17
CA ARG B 83 -4.91 14.02 -23.20
C ARG B 83 -3.49 13.60 -23.57
N SER B 84 -2.65 13.30 -22.58
CA SER B 84 -1.28 12.88 -22.85
C SER B 84 -1.23 11.52 -23.53
N LEU B 85 -2.14 10.62 -23.17
CA LEU B 85 -2.13 9.27 -23.74
C LEU B 85 -2.40 9.31 -25.24
N ILE B 86 -3.53 9.88 -25.64
CA ILE B 86 -3.90 9.91 -27.04
C ILE B 86 -2.79 10.54 -27.86
N GLU B 87 -2.30 11.69 -27.40
CA GLU B 87 -1.15 12.31 -28.05
C GLU B 87 0.00 11.31 -28.22
N LYS B 88 0.33 10.58 -27.15
CA LYS B 88 1.39 9.58 -27.28
C LYS B 88 1.01 8.49 -28.28
N LEU B 89 -0.24 8.02 -28.22
CA LEU B 89 -0.70 7.07 -29.21
C LEU B 89 -0.59 7.65 -30.61
N ASN B 90 -1.05 8.88 -30.79
CA ASN B 90 -0.97 9.52 -32.10
C ASN B 90 0.47 9.52 -32.60
N ARG B 91 1.42 9.85 -31.72
CA ARG B 91 2.82 9.97 -32.12
C ARG B 91 3.43 8.64 -32.52
N LYS B 92 3.09 7.56 -31.82
CA LYS B 92 3.59 6.25 -32.20
C LYS B 92 2.68 5.57 -33.23
N GLY B 93 1.77 6.35 -33.82
CA GLY B 93 0.90 5.87 -34.89
C GLY B 93 0.02 4.68 -34.54
N LEU B 94 -0.56 4.68 -33.35
CA LEU B 94 -1.35 3.56 -32.85
C LEU B 94 -2.83 3.92 -32.79
N GLN B 95 -3.68 2.89 -32.85
CA GLN B 95 -5.13 3.07 -32.71
C GLN B 95 -5.47 3.62 -31.33
N ILE B 96 -6.55 4.39 -31.26
CA ILE B 96 -6.96 5.06 -30.02
C ILE B 96 -8.02 4.20 -29.34
N SER B 97 -7.57 3.40 -28.37
CA SER B 97 -8.47 2.64 -27.52
C SER B 97 -7.73 2.38 -26.23
N ALA B 98 -8.47 2.19 -25.14
CA ALA B 98 -7.80 1.85 -23.90
C ALA B 98 -7.08 0.54 -24.05
N GLU B 99 -7.69 -0.40 -24.76
CA GLU B 99 -7.12 -1.73 -24.94
C GLU B 99 -5.71 -1.66 -25.53
N THR B 100 -5.53 -0.86 -26.58
CA THR B 100 -4.21 -0.83 -27.20
C THR B 100 -3.21 -0.03 -26.38
N ALA B 101 -3.67 1.03 -25.72
CA ALA B 101 -2.79 1.78 -24.81
C ALA B 101 -2.31 0.88 -23.69
N LYS B 102 -3.19 0.04 -23.17
CA LYS B 102 -2.81 -0.87 -22.10
C LYS B 102 -1.59 -1.70 -22.48
N GLU B 103 -1.52 -2.16 -23.73
CA GLU B 103 -0.41 -3.00 -24.15
C GLU B 103 0.69 -2.27 -24.92
N HIS B 104 0.64 -0.94 -25.01
CA HIS B 104 1.75 -0.26 -25.68
C HIS B 104 2.39 0.83 -24.84
N ILE B 105 1.68 1.40 -23.89
CA ILE B 105 2.20 2.51 -23.10
C ILE B 105 2.58 1.98 -21.74
N LEU B 106 3.87 2.02 -21.42
CA LEU B 106 4.33 1.48 -20.15
C LEU B 106 4.28 2.52 -19.05
N ASP B 107 4.28 3.81 -19.39
CA ASP B 107 4.29 4.88 -18.40
C ASP B 107 2.89 5.43 -18.14
N ILE B 108 1.86 4.62 -18.30
CA ILE B 108 0.52 5.06 -17.92
C ILE B 108 0.49 5.39 -16.44
N ALA B 109 0.91 4.44 -15.61
CA ALA B 109 1.15 4.69 -14.19
C ALA B 109 2.62 5.06 -14.00
N GLY B 110 2.87 6.16 -13.29
CA GLY B 110 4.23 6.57 -13.05
C GLY B 110 4.46 7.05 -11.63
N ILE B 111 5.57 6.64 -11.05
CA ILE B 111 5.95 7.08 -9.72
C ILE B 111 7.38 7.56 -9.75
N ARG B 112 7.65 8.63 -9.00
CA ARG B 112 8.92 9.32 -8.96
C ARG B 112 9.44 9.28 -7.52
N VAL B 113 10.54 8.60 -7.31
CA VAL B 113 11.14 8.40 -5.99
C VAL B 113 12.32 9.37 -5.87
N VAL B 114 12.20 10.36 -5.02
CA VAL B 114 13.27 11.32 -4.80
C VAL B 114 14.07 10.85 -3.60
N CYS B 115 15.38 10.70 -3.78
CA CYS B 115 16.25 10.13 -2.76
C CYS B 115 17.18 11.17 -2.16
N ASN B 116 17.63 10.88 -0.95
CA ASN B 116 18.49 11.82 -0.24
C ASN B 116 19.90 11.85 -0.79
N TYR B 117 20.41 10.71 -1.24
CA TYR B 117 21.79 10.64 -1.71
C TYR B 117 21.86 9.80 -2.97
N LEU B 118 22.90 10.07 -3.77
CA LEU B 118 23.10 9.36 -5.02
C LEU B 118 22.97 7.86 -4.81
N ASP B 119 23.77 7.32 -3.89
CA ASP B 119 23.80 5.87 -3.66
C ASP B 119 22.44 5.32 -3.27
N ASP B 120 21.57 6.13 -2.67
CA ASP B 120 20.22 5.65 -2.38
C ASP B 120 19.49 5.20 -3.65
N ILE B 121 19.71 5.89 -4.76
CA ILE B 121 19.05 5.54 -6.02
C ILE B 121 19.24 4.06 -6.33
N TYR B 122 20.47 3.58 -6.20
CA TYR B 122 20.73 2.18 -6.54
C TYR B 122 20.33 1.22 -5.44
N LEU B 123 20.28 1.68 -4.19
CA LEU B 123 19.75 0.86 -3.11
C LEU B 123 18.27 0.57 -3.34
N ILE B 124 17.51 1.62 -3.67
CA ILE B 124 16.10 1.45 -3.93
C ILE B 124 15.90 0.48 -5.09
N GLU B 125 16.64 0.70 -6.18
CA GLU B 125 16.54 -0.19 -7.33
C GLU B 125 16.71 -1.63 -6.90
N GLU B 126 17.79 -1.90 -6.17
CA GLU B 126 18.10 -3.26 -5.74
C GLU B 126 17.02 -3.82 -4.81
N MET B 127 16.64 -3.05 -3.79
CA MET B 127 15.74 -3.61 -2.77
C MET B 127 14.40 -4.01 -3.36
N LEU B 128 13.93 -3.27 -4.36
CA LEU B 128 12.64 -3.51 -4.97
C LEU B 128 12.67 -4.70 -5.90
N LEU B 129 13.70 -4.79 -6.73
CA LEU B 129 13.74 -5.88 -7.70
C LEU B 129 13.82 -7.23 -7.02
N LYS B 130 14.47 -7.30 -5.84
CA LYS B 130 14.62 -8.59 -5.19
C LYS B 130 13.30 -9.15 -4.67
N GLN B 131 12.21 -8.40 -4.79
CA GLN B 131 10.92 -8.89 -4.35
C GLN B 131 10.28 -9.82 -5.37
N GLU B 132 9.83 -10.98 -4.91
CA GLU B 132 9.24 -12.01 -5.76
C GLU B 132 8.25 -11.44 -6.79
N ASP B 133 7.27 -10.66 -6.36
CA ASP B 133 6.19 -10.28 -7.27
C ASP B 133 6.51 -9.05 -8.11
N VAL B 134 7.74 -8.52 -8.05
CA VAL B 134 8.13 -7.41 -8.90
C VAL B 134 8.98 -7.94 -10.03
N GLN B 135 8.57 -7.63 -11.26
CA GLN B 135 9.24 -8.13 -12.45
C GLN B 135 9.71 -6.94 -13.26
N LEU B 136 10.96 -7.00 -13.69
CA LEU B 136 11.57 -5.89 -14.40
C LEU B 136 11.28 -6.02 -15.89
N ILE B 137 10.83 -4.94 -16.51
CA ILE B 137 10.53 -4.94 -17.94
C ILE B 137 11.54 -4.10 -18.72
N LYS B 138 11.84 -2.91 -18.24
CA LYS B 138 12.60 -1.96 -19.04
C LYS B 138 13.50 -1.15 -18.11
N ARG B 139 14.65 -0.72 -18.62
CA ARG B 139 15.57 0.06 -17.81
C ARG B 139 16.38 1.00 -18.69
N LYS B 140 16.44 2.26 -18.28
CA LYS B 140 17.18 3.33 -18.94
C LYS B 140 17.80 4.19 -17.84
N ASP B 141 19.12 4.24 -17.78
CA ASP B 141 19.84 4.91 -16.70
C ASP B 141 20.45 6.22 -17.23
N TYR B 142 19.74 7.32 -17.01
CA TYR B 142 20.24 8.62 -17.43
C TYR B 142 21.21 9.22 -16.43
N ILE B 143 21.54 8.49 -15.37
CA ILE B 143 22.66 8.88 -14.52
C ILE B 143 23.96 8.36 -15.11
N GLN B 144 24.02 7.07 -15.49
CA GLN B 144 25.20 6.58 -16.21
C GLN B 144 25.46 7.43 -17.44
N HIS B 145 24.41 7.73 -18.18
CA HIS B 145 24.50 8.46 -19.44
C HIS B 145 23.49 9.59 -19.45
N PRO B 146 23.83 10.74 -18.87
CA PRO B 146 22.92 11.88 -18.87
C PRO B 146 22.58 12.29 -20.29
N LYS B 147 21.36 12.79 -20.45
CA LYS B 147 20.87 13.25 -21.74
C LYS B 147 21.68 14.45 -22.23
N GLU B 148 21.37 14.86 -23.48
CA GLU B 148 22.08 15.98 -24.10
C GLU B 148 21.97 17.23 -23.25
N ASN B 149 20.77 17.53 -22.77
CA ASN B 149 20.49 18.79 -22.11
C ASN B 149 20.93 18.83 -20.65
N GLY B 150 21.37 17.71 -20.09
CA GLY B 150 21.83 17.63 -18.72
C GLY B 150 21.01 16.72 -17.86
N TYR B 151 19.88 16.24 -18.36
CA TYR B 151 18.96 15.47 -17.56
C TYR B 151 19.61 14.18 -17.06
N ARG B 152 19.42 13.91 -15.78
CA ARG B 152 19.94 12.74 -15.08
C ARG B 152 18.80 12.13 -14.30
N SER B 153 18.70 10.79 -14.35
CA SER B 153 17.62 10.10 -13.67
C SER B 153 17.64 8.61 -14.04
N LEU B 154 17.25 7.73 -13.12
CA LEU B 154 17.21 6.28 -13.37
C LEU B 154 15.78 5.84 -13.65
N HIS B 155 15.50 5.34 -14.85
CA HIS B 155 14.14 4.94 -15.23
C HIS B 155 14.10 3.42 -15.35
N ILE B 156 13.17 2.81 -14.62
CA ILE B 156 12.86 1.39 -14.72
C ILE B 156 11.36 1.23 -14.83
N VAL B 157 10.94 0.23 -15.59
CA VAL B 157 9.55 -0.21 -15.63
C VAL B 157 9.49 -1.56 -14.94
N VAL B 158 8.56 -1.69 -14.00
CA VAL B 158 8.31 -2.94 -13.30
C VAL B 158 6.86 -3.32 -13.51
N SER B 159 6.59 -4.61 -13.39
CA SER B 159 5.23 -5.09 -13.35
C SER B 159 4.90 -5.59 -11.94
N ILE B 160 3.66 -5.39 -11.53
CA ILE B 160 3.12 -6.00 -10.32
C ILE B 160 1.75 -6.55 -10.60
N PRO B 161 1.35 -7.57 -9.86
CA PRO B 161 -0.05 -8.02 -9.92
C PRO B 161 -0.95 -7.12 -9.09
N VAL B 162 -2.11 -6.80 -9.64
CA VAL B 162 -3.14 -6.01 -8.98
C VAL B 162 -4.35 -6.92 -8.79
N PHE B 163 -4.82 -7.03 -7.53
CA PHE B 163 -5.86 -7.99 -7.20
C PHE B 163 -7.17 -7.24 -7.17
N LEU B 164 -7.93 -7.36 -8.24
CA LEU B 164 -9.18 -6.67 -8.35
C LEU B 164 -10.29 -7.52 -7.76
N ALA B 165 -11.49 -6.97 -7.71
CA ALA B 165 -12.61 -7.70 -7.15
C ALA B 165 -12.84 -9.02 -7.89
N GLU B 166 -12.61 -9.06 -9.19
CA GLU B 166 -12.97 -10.27 -9.93
C GLU B 166 -11.87 -10.83 -10.81
N ARG B 167 -10.64 -10.31 -10.71
CA ARG B 167 -9.56 -10.80 -11.55
C ARG B 167 -8.25 -10.24 -11.04
N VAL B 168 -7.17 -10.74 -11.63
CA VAL B 168 -5.82 -10.28 -11.34
C VAL B 168 -5.31 -9.66 -12.63
N GLU B 169 -4.98 -8.38 -12.56
CA GLU B 169 -4.37 -7.65 -13.66
C GLU B 169 -2.90 -7.41 -13.32
N VAL B 170 -2.00 -7.83 -14.20
CA VAL B 170 -0.56 -7.55 -14.06
C VAL B 170 -0.22 -6.29 -14.86
N LEU B 171 0.25 -5.25 -14.18
CA LEU B 171 0.39 -3.96 -14.86
C LEU B 171 1.79 -3.38 -14.74
N PRO B 172 2.25 -2.67 -15.76
CA PRO B 172 3.54 -1.98 -15.63
C PRO B 172 3.36 -0.63 -14.98
N VAL B 173 4.30 -0.33 -14.09
CA VAL B 173 4.47 0.99 -13.50
C VAL B 173 5.86 1.50 -13.94
N GLU B 174 5.93 2.75 -14.37
CA GLU B 174 7.23 3.36 -14.68
C GLU B 174 7.72 4.13 -13.47
N ILE B 175 8.95 3.86 -13.06
CA ILE B 175 9.50 4.47 -11.85
C ILE B 175 10.70 5.34 -12.23
N GLN B 176 10.66 6.59 -11.84
CA GLN B 176 11.80 7.49 -12.02
C GLN B 176 12.46 7.67 -10.67
N ILE B 177 13.72 7.23 -10.55
CA ILE B 177 14.50 7.35 -9.32
C ILE B 177 15.56 8.44 -9.51
N ARG B 178 15.59 9.42 -8.59
CA ARG B 178 16.51 10.53 -8.72
C ARG B 178 16.90 11.11 -7.36
N THR B 179 18.00 11.87 -7.36
CA THR B 179 18.34 12.64 -6.17
C THR B 179 17.51 13.91 -6.16
N ILE B 180 17.58 14.61 -5.02
CA ILE B 180 16.93 15.91 -4.88
C ILE B 180 17.41 16.87 -5.95
N GLY B 181 18.72 17.07 -6.04
CA GLY B 181 19.26 17.97 -7.05
C GLY B 181 18.77 17.64 -8.44
N MET B 182 18.83 16.35 -8.81
CA MET B 182 18.30 15.94 -10.10
C MET B 182 16.84 16.33 -10.21
N ASP B 183 16.09 16.17 -9.13
CA ASP B 183 14.70 16.60 -9.10
C ASP B 183 14.59 18.11 -9.25
N MET B 184 15.35 18.85 -8.43
CA MET B 184 15.35 20.32 -8.55
C MET B 184 15.48 20.71 -10.00
N TRP B 185 16.56 20.22 -10.62
CA TRP B 185 16.90 20.58 -11.98
C TRP B 185 15.82 20.15 -12.97
N ALA B 186 15.34 18.91 -12.84
CA ALA B 186 14.34 18.39 -13.75
C ALA B 186 13.10 19.27 -13.79
N SER B 187 12.50 19.53 -12.63
CA SER B 187 11.26 20.29 -12.56
C SER B 187 11.41 21.65 -13.23
N LEU B 188 12.58 22.28 -13.08
CA LEU B 188 12.81 23.58 -13.69
C LEU B 188 12.91 23.46 -15.20
N GLU B 189 13.74 22.53 -15.68
CA GLU B 189 13.86 22.29 -17.11
C GLU B 189 12.50 21.96 -17.72
N HIS B 190 11.65 21.26 -16.96
CA HIS B 190 10.35 20.90 -17.49
C HIS B 190 9.48 22.12 -17.69
N LYS B 191 9.54 23.06 -16.76
CA LYS B 191 8.73 24.26 -16.88
C LYS B 191 9.09 25.00 -18.15
N ILE B 192 10.39 25.05 -18.49
CA ILE B 192 10.84 25.82 -19.66
C ILE B 192 10.41 25.17 -20.97
N ARG B 193 10.85 23.94 -21.20
CA ARG B 193 10.51 23.24 -22.44
C ARG B 193 9.03 22.93 -22.53
N TYR B 194 8.43 22.49 -21.43
CA TYR B 194 7.00 22.15 -21.43
C TYR B 194 6.16 23.30 -20.89
N ASN B 197 5.63 27.83 -27.02
CA ASN B 197 6.43 29.03 -26.85
C ASN B 197 7.77 28.67 -26.21
N ALA B 198 7.95 27.38 -25.92
CA ALA B 198 9.17 26.86 -25.30
C ALA B 198 10.41 27.42 -25.97
N GLU B 199 11.08 28.37 -25.29
CA GLU B 199 12.26 29.02 -25.86
C GLU B 199 13.51 28.18 -25.67
N THR B 200 13.72 27.66 -24.46
CA THR B 200 14.99 27.04 -24.07
C THR B 200 16.11 27.96 -24.51
N GLU B 201 16.77 27.60 -25.62
CA GLU B 201 17.73 28.49 -26.26
C GLU B 201 18.65 29.18 -25.26
N LYS B 202 18.15 30.31 -24.72
CA LYS B 202 18.92 31.10 -23.77
C LYS B 202 19.38 30.26 -22.59
N TYR B 203 18.53 29.34 -22.13
CA TYR B 203 18.79 28.59 -20.92
C TYR B 203 19.40 27.23 -21.14
N ARG B 204 19.21 26.62 -22.31
CA ARG B 204 19.77 25.30 -22.53
C ARG B 204 21.21 25.27 -22.03
N ASP B 205 22.03 26.17 -22.57
CA ASP B 205 23.43 26.27 -22.17
C ASP B 205 23.56 26.40 -20.67
N LEU B 206 22.78 27.31 -20.09
CA LEU B 206 22.92 27.60 -18.67
C LEU B 206 22.27 26.53 -17.80
N LEU B 207 21.20 25.92 -18.27
CA LEU B 207 20.65 24.76 -17.57
C LEU B 207 21.67 23.64 -17.50
N LYS B 208 22.34 23.36 -18.62
CA LYS B 208 23.35 22.31 -18.60
C LYS B 208 24.43 22.60 -17.58
N GLU B 209 24.78 23.87 -17.40
CA GLU B 209 25.74 24.26 -16.36
C GLU B 209 25.24 23.90 -14.96
N CYS B 210 24.00 24.26 -14.65
CA CYS B 210 23.46 23.91 -13.33
C CYS B 210 23.41 22.40 -13.14
N ALA B 211 23.02 21.68 -14.19
CA ALA B 211 22.99 20.22 -14.15
C ALA B 211 24.32 19.67 -13.70
N THR B 212 25.41 20.15 -14.29
CA THR B 212 26.72 19.64 -13.87
C THR B 212 27.07 20.17 -12.48
N GLU B 213 26.84 21.46 -12.22
CA GLU B 213 27.13 22.01 -10.90
C GLU B 213 26.42 21.22 -9.80
N ILE B 214 25.15 20.84 -10.02
CA ILE B 214 24.42 20.04 -9.03
C ILE B 214 25.08 18.67 -8.85
N THR B 215 25.40 18.00 -9.95
CA THR B 215 26.12 16.73 -9.86
C THR B 215 27.33 16.85 -8.95
N GLU B 216 28.18 17.84 -9.22
CA GLU B 216 29.44 17.94 -8.48
C GLU B 216 29.19 18.02 -6.99
N VAL B 217 28.28 18.89 -6.57
CA VAL B 217 28.07 19.07 -5.14
C VAL B 217 27.44 17.81 -4.54
N GLU B 218 26.42 17.26 -5.20
CA GLU B 218 25.78 16.09 -4.62
C GLU B 218 26.75 14.94 -4.43
N ASP B 219 27.88 14.93 -5.15
CA ASP B 219 28.90 13.91 -4.93
C ASP B 219 29.73 14.24 -3.70
N LYS B 220 30.09 15.52 -3.54
CA LYS B 220 30.62 16.00 -2.27
C LYS B 220 29.75 15.54 -1.10
N LEU B 221 28.45 15.80 -1.17
CA LEU B 221 27.57 15.38 -0.08
C LEU B 221 27.68 13.88 0.14
N GLN B 222 27.55 13.10 -0.93
CA GLN B 222 27.64 11.65 -0.83
C GLN B 222 28.97 11.21 -0.25
N GLN B 223 30.06 11.79 -0.74
CA GLN B 223 31.36 11.42 -0.19
C GLN B 223 31.38 11.57 1.32
N ILE B 224 30.87 12.70 1.83
CA ILE B 224 30.92 12.96 3.26
C ILE B 224 30.03 12.00 4.01
N HIS B 225 28.80 11.82 3.52
CA HIS B 225 27.84 10.95 4.19
C HIS B 225 28.38 9.53 4.33
N SER B 226 29.02 9.02 3.29
CA SER B 226 29.58 7.68 3.35
C SER B 226 30.63 7.58 4.45
N GLU B 227 31.51 8.57 4.58
CA GLU B 227 32.57 8.45 5.57
C GLU B 227 32.05 8.41 7.00
N ILE B 228 30.96 9.13 7.29
CA ILE B 228 30.51 9.13 8.68
C ILE B 228 29.61 7.95 9.01
N THR B 229 29.02 7.32 8.00
CA THR B 229 28.23 6.11 8.22
C THR B 229 29.17 4.92 8.14
N GLU B 230 29.95 4.74 9.20
CA GLU B 230 30.92 3.65 9.31
C GLU B 230 30.92 3.01 10.70
#